data_6WJQ
#
_entry.id   6WJQ
#
_cell.length_a   54.518
_cell.length_b   47.228
_cell.length_c   118.965
_cell.angle_alpha   90.000
_cell.angle_beta   90.920
_cell.angle_gamma   90.000
#
_symmetry.space_group_name_H-M   'P 1 21 1'
#
loop_
_entity.id
_entity.type
_entity.pdbx_description
1 polymer 'WD repeat-containing protein 5'
2 polymer '3-phosphoinositide-dependent protein kinase 1'
3 water water
#
loop_
_entity_poly.entity_id
_entity_poly.type
_entity_poly.pdbx_seq_one_letter_code
_entity_poly.pdbx_strand_id
1 'polypeptide(L)'
;SATQSKPTPVKPNYALKFTLAGHTKAVSSVKFSPNGEWLASSSADKLIKIWGAYDGKFEKTISGHKLGISDVAWSSDSNL
LVSASDDKTLKIWDVSSGKCLKTLKGHSNYVFCCNFNPQSNLIVSGSFDESVRIWDVKTGKCLKTLPAHSDPVSAVHFNR
DGSLIVSSSYDGLCRIWDTASGQCLKTLIDDDNPPVSFVKFSPNGKYILAATLDNTLKLWDYSKGKCLKTYTGHKNEKYC
IFANFSVTGGKWIVSGSEDNLVYIWNLQTKEIVQKLQGHTDVVISTACHPTENIIASAALENDKTIKLWKSDC
;
A,B
2 'polypeptide(L)' (ACE)ARTTSQLYDAVPIQS(NH2) C,D
#
loop_
_chem_comp.id
_chem_comp.type
_chem_comp.name
_chem_comp.formula
ACE non-polymer 'ACETYL GROUP' 'C2 H4 O'
NH2 non-polymer 'AMINO GROUP' 'H2 N'
#
# COMPACT_ATOMS: atom_id res chain seq x y z
N PRO A 9 -22.66 3.78 -17.05
CA PRO A 9 -23.14 2.78 -18.02
C PRO A 9 -24.19 1.85 -17.42
N VAL A 10 -24.84 1.04 -18.25
CA VAL A 10 -25.82 0.05 -17.77
C VAL A 10 -25.37 -1.37 -18.12
N LYS A 11 -24.58 -1.52 -19.19
CA LYS A 11 -24.15 -2.82 -19.65
C LYS A 11 -22.78 -2.75 -20.32
N PRO A 12 -21.84 -3.59 -19.90
CA PRO A 12 -20.49 -3.59 -20.51
C PRO A 12 -20.50 -4.23 -21.90
N ASN A 13 -19.34 -4.11 -22.55
CA ASN A 13 -19.20 -4.53 -23.95
C ASN A 13 -18.16 -5.62 -24.10
N TYR A 14 -18.22 -6.63 -23.23
CA TYR A 14 -17.19 -7.67 -23.19
C TYR A 14 -17.30 -8.61 -24.37
N ALA A 15 -16.25 -8.62 -25.20
CA ALA A 15 -16.16 -9.51 -26.35
C ALA A 15 -14.87 -10.32 -26.26
N LEU A 16 -14.93 -11.56 -26.74
CA LEU A 16 -13.77 -12.43 -26.73
C LEU A 16 -12.71 -11.93 -27.70
N LYS A 17 -11.45 -11.94 -27.25
CA LYS A 17 -10.34 -11.55 -28.11
C LYS A 17 -9.34 -12.67 -28.32
N PHE A 18 -9.04 -13.46 -27.29
CA PHE A 18 -8.06 -14.52 -27.40
C PHE A 18 -8.53 -15.74 -26.63
N THR A 19 -8.15 -16.93 -27.11
CA THR A 19 -8.34 -18.19 -26.40
C THR A 19 -6.99 -18.87 -26.29
N LEU A 20 -6.53 -19.08 -25.06
CA LEU A 20 -5.20 -19.58 -24.79
C LEU A 20 -5.25 -21.08 -24.54
N ALA A 21 -4.48 -21.84 -25.32
CA ALA A 21 -4.38 -23.28 -25.17
C ALA A 21 -2.94 -23.65 -24.82
N GLY A 22 -2.81 -24.69 -23.98
CA GLY A 22 -1.50 -25.15 -23.58
C GLY A 22 -1.57 -26.14 -22.44
N HIS A 23 -2.44 -25.87 -21.47
CA HIS A 23 -2.60 -26.78 -20.35
C HIS A 23 -3.23 -28.09 -20.80
N THR A 24 -2.71 -29.19 -20.28
CA THR A 24 -3.17 -30.52 -20.64
C THR A 24 -4.19 -31.10 -19.65
N LYS A 25 -4.43 -30.44 -18.54
CA LYS A 25 -5.48 -30.82 -17.60
C LYS A 25 -6.33 -29.60 -17.29
N ALA A 26 -7.26 -29.75 -16.35
CA ALA A 26 -8.15 -28.65 -16.00
C ALA A 26 -7.36 -27.49 -15.43
N VAL A 27 -7.72 -26.27 -15.83
CA VAL A 27 -7.12 -25.08 -15.26
C VAL A 27 -7.81 -24.78 -13.94
N SER A 28 -7.05 -24.31 -12.95
CA SER A 28 -7.57 -24.08 -11.62
C SER A 28 -7.66 -22.62 -11.22
N SER A 29 -6.80 -21.75 -11.75
CA SER A 29 -6.85 -20.35 -11.36
C SER A 29 -6.07 -19.51 -12.38
N VAL A 30 -6.50 -18.27 -12.55
CA VAL A 30 -5.84 -17.30 -13.41
C VAL A 30 -5.73 -15.98 -12.65
N LYS A 31 -4.54 -15.38 -12.65
CA LYS A 31 -4.31 -14.14 -11.92
C LYS A 31 -3.52 -13.18 -12.78
N PHE A 32 -4.01 -11.96 -12.89
CA PHE A 32 -3.29 -10.91 -13.61
C PHE A 32 -2.15 -10.37 -12.75
N SER A 33 -1.05 -10.02 -13.41
CA SER A 33 0.06 -9.41 -12.71
C SER A 33 -0.34 -8.02 -12.19
N PRO A 34 0.17 -7.62 -11.03
CA PRO A 34 -0.17 -6.28 -10.51
C PRO A 34 0.24 -5.16 -11.44
N ASN A 35 1.32 -5.33 -12.19
CA ASN A 35 1.72 -4.34 -13.18
C ASN A 35 0.91 -4.46 -14.48
N GLY A 36 -0.17 -5.25 -14.49
CA GLY A 36 -1.02 -5.43 -15.66
C GLY A 36 -0.35 -6.10 -16.82
N GLU A 37 0.85 -6.65 -16.60
CA GLU A 37 1.77 -7.13 -17.60
C GLU A 37 1.51 -8.55 -18.07
N TRP A 38 1.34 -9.44 -17.12
CA TRP A 38 1.29 -10.86 -17.37
C TRP A 38 -0.01 -11.41 -16.80
N LEU A 39 -0.35 -12.61 -17.24
CA LEU A 39 -1.39 -13.41 -16.63
C LEU A 39 -0.79 -14.77 -16.29
N ALA A 40 -0.88 -15.15 -15.02
CA ALA A 40 -0.44 -16.46 -14.57
C ALA A 40 -1.63 -17.39 -14.48
N SER A 41 -1.44 -18.65 -14.90
CA SER A 41 -2.46 -19.68 -14.78
C SER A 41 -1.86 -20.92 -14.15
N SER A 42 -2.64 -21.59 -13.30
CA SER A 42 -2.26 -22.85 -12.69
C SER A 42 -3.17 -23.95 -13.19
N SER A 43 -2.63 -25.17 -13.30
CA SER A 43 -3.41 -26.30 -13.80
C SER A 43 -3.25 -27.51 -12.90
N ALA A 44 -4.18 -28.45 -13.05
CA ALA A 44 -4.05 -29.77 -12.43
C ALA A 44 -2.95 -30.62 -13.04
N ASP A 45 -2.29 -30.14 -14.10
CA ASP A 45 -1.15 -30.84 -14.68
C ASP A 45 0.17 -30.44 -14.04
N LYS A 46 0.13 -29.98 -12.78
CA LYS A 46 1.29 -29.58 -11.99
C LYS A 46 2.06 -28.41 -12.61
N LEU A 47 1.43 -27.60 -13.45
CA LEU A 47 2.13 -26.56 -14.18
C LEU A 47 1.52 -25.19 -13.93
N ILE A 48 2.39 -24.18 -13.95
CA ILE A 48 1.99 -22.78 -14.05
C ILE A 48 2.42 -22.29 -15.43
N LYS A 49 1.62 -21.41 -16.02
CA LYS A 49 1.92 -20.85 -17.33
C LYS A 49 1.75 -19.34 -17.28
N ILE A 50 2.77 -18.62 -17.76
CA ILE A 50 2.76 -17.16 -17.84
C ILE A 50 2.50 -16.76 -19.28
N TRP A 51 1.47 -15.94 -19.48
CA TRP A 51 1.03 -15.43 -20.78
C TRP A 51 1.04 -13.91 -20.79
N GLY A 52 1.15 -13.36 -22.00
CA GLY A 52 1.04 -11.91 -22.17
C GLY A 52 -0.40 -11.45 -22.04
N ALA A 53 -0.58 -10.34 -21.29
CA ALA A 53 -1.93 -9.93 -20.94
C ALA A 53 -2.69 -9.29 -22.10
N TYR A 54 -2.00 -8.67 -23.05
CA TYR A 54 -2.67 -7.93 -24.12
C TYR A 54 -2.64 -8.63 -25.48
N ASP A 55 -1.77 -9.62 -25.66
CA ASP A 55 -1.71 -10.37 -26.90
C ASP A 55 -1.94 -11.87 -26.71
N GLY A 56 -2.04 -12.33 -25.47
CA GLY A 56 -2.22 -13.73 -25.21
C GLY A 56 -1.05 -14.61 -25.57
N LYS A 57 0.11 -14.02 -25.88
CA LYS A 57 1.24 -14.81 -26.32
C LYS A 57 1.80 -15.61 -25.15
N PHE A 58 1.93 -16.93 -25.36
CA PHE A 58 2.54 -17.77 -24.34
C PHE A 58 3.98 -17.34 -24.13
N GLU A 59 4.35 -17.04 -22.88
CA GLU A 59 5.73 -16.65 -22.60
C GLU A 59 6.52 -17.76 -21.91
N LYS A 60 5.96 -18.40 -20.87
CA LYS A 60 6.78 -19.46 -20.27
C LYS A 60 5.94 -20.42 -19.42
N THR A 61 6.58 -21.54 -19.08
CA THR A 61 6.02 -22.59 -18.25
C THR A 61 6.89 -22.77 -17.00
N ILE A 62 6.25 -22.87 -15.84
CA ILE A 62 6.92 -23.07 -14.58
C ILE A 62 6.51 -24.43 -14.04
N SER A 63 7.50 -25.28 -13.76
CA SER A 63 7.29 -26.65 -13.33
C SER A 63 8.07 -26.90 -12.05
N GLY A 64 7.58 -27.83 -11.25
CA GLY A 64 8.28 -28.22 -10.04
C GLY A 64 7.42 -29.00 -9.06
N HIS A 65 6.13 -28.67 -9.00
CA HIS A 65 5.24 -29.35 -8.09
C HIS A 65 5.04 -30.80 -8.49
N LYS A 66 4.88 -31.68 -7.49
CA LYS A 66 4.69 -33.10 -7.74
C LYS A 66 3.24 -33.48 -7.99
N LEU A 67 2.29 -32.61 -7.66
CA LEU A 67 0.88 -32.88 -7.89
C LEU A 67 0.23 -31.61 -8.42
N GLY A 68 -1.09 -31.68 -8.60
CA GLY A 68 -1.82 -30.55 -9.18
C GLY A 68 -1.78 -29.32 -8.30
N ILE A 69 -1.99 -28.17 -8.94
CA ILE A 69 -1.98 -26.87 -8.28
C ILE A 69 -3.40 -26.32 -8.26
N SER A 70 -3.78 -25.73 -7.13
CA SER A 70 -5.12 -25.18 -6.96
C SER A 70 -5.19 -23.66 -7.02
N ASP A 71 -4.07 -22.96 -6.86
CA ASP A 71 -4.13 -21.51 -6.83
C ASP A 71 -2.73 -20.92 -7.08
N VAL A 72 -2.73 -19.70 -7.60
CA VAL A 72 -1.52 -18.89 -7.82
C VAL A 72 -1.81 -17.48 -7.32
N ALA A 73 -0.74 -16.81 -6.91
CA ALA A 73 -0.87 -15.42 -6.48
C ALA A 73 0.44 -14.70 -6.77
N TRP A 74 0.33 -13.41 -7.11
CA TRP A 74 1.49 -12.62 -7.45
C TRP A 74 1.97 -11.79 -6.27
N SER A 75 3.29 -11.57 -6.23
CA SER A 75 3.86 -10.48 -5.48
C SER A 75 3.26 -9.15 -5.95
N SER A 76 3.23 -8.16 -5.05
CA SER A 76 2.79 -6.81 -5.42
C SER A 76 3.70 -6.19 -6.48
N ASP A 77 5.00 -6.46 -6.42
CA ASP A 77 5.93 -5.91 -7.39
C ASP A 77 6.06 -6.78 -8.64
N SER A 78 5.18 -7.77 -8.78
CA SER A 78 5.09 -8.66 -9.94
C SER A 78 6.39 -9.42 -10.21
N ASN A 79 7.22 -9.63 -9.19
CA ASN A 79 8.45 -10.38 -9.39
C ASN A 79 8.37 -11.81 -8.86
N LEU A 80 7.46 -12.09 -7.94
CA LEU A 80 7.36 -13.41 -7.32
C LEU A 80 5.97 -13.99 -7.58
N LEU A 81 5.91 -15.33 -7.61
CA LEU A 81 4.66 -16.06 -7.65
C LEU A 81 4.63 -17.04 -6.49
N VAL A 82 3.44 -17.33 -5.98
CA VAL A 82 3.27 -18.37 -4.98
C VAL A 82 2.23 -19.36 -5.48
N SER A 83 2.48 -20.64 -5.22
CA SER A 83 1.67 -21.73 -5.74
C SER A 83 1.28 -22.66 -4.59
N ALA A 84 0.02 -23.08 -4.58
CA ALA A 84 -0.49 -24.04 -3.61
C ALA A 84 -0.81 -25.34 -4.32
N SER A 85 -0.28 -26.47 -3.81
CA SER A 85 -0.39 -27.72 -4.55
C SER A 85 -0.98 -28.83 -3.70
N ASP A 86 -1.36 -29.90 -4.38
CA ASP A 86 -1.83 -31.11 -3.72
C ASP A 86 -0.71 -31.87 -3.03
N ASP A 87 0.54 -31.56 -3.34
CA ASP A 87 1.68 -32.22 -2.71
C ASP A 87 1.92 -31.72 -1.29
N LYS A 88 0.92 -31.08 -0.70
CA LYS A 88 0.91 -30.54 0.66
C LYS A 88 1.82 -29.34 0.84
N THR A 89 2.35 -28.76 -0.25
CA THR A 89 3.29 -27.67 -0.15
C THR A 89 2.84 -26.46 -0.96
N LEU A 90 3.41 -25.31 -0.59
CA LEU A 90 3.39 -24.12 -1.41
C LEU A 90 4.79 -23.89 -1.97
N LYS A 91 4.86 -23.15 -3.07
CA LYS A 91 6.15 -22.87 -3.69
C LYS A 91 6.21 -21.40 -4.11
N ILE A 92 7.30 -20.74 -3.73
CA ILE A 92 7.57 -19.37 -4.14
C ILE A 92 8.57 -19.43 -5.29
N TRP A 93 8.16 -18.89 -6.44
CA TRP A 93 8.96 -18.88 -7.66
C TRP A 93 9.36 -17.48 -8.05
N ASP A 94 10.57 -17.36 -8.61
CA ASP A 94 11.00 -16.16 -9.33
C ASP A 94 10.44 -16.22 -10.75
N VAL A 95 9.58 -15.27 -11.10
CA VAL A 95 8.85 -15.37 -12.36
C VAL A 95 9.79 -15.26 -13.56
N SER A 96 10.83 -14.43 -13.45
CA SER A 96 11.69 -14.20 -14.60
C SER A 96 12.54 -15.41 -14.93
N SER A 97 13.28 -15.91 -13.93
CA SER A 97 14.09 -17.11 -14.12
C SER A 97 13.24 -18.36 -14.20
N GLY A 98 12.06 -18.37 -13.59
CA GLY A 98 11.26 -19.56 -13.47
C GLY A 98 11.74 -20.58 -12.46
N LYS A 99 12.82 -20.29 -11.73
CA LYS A 99 13.33 -21.23 -10.75
C LYS A 99 12.60 -21.10 -9.42
N CYS A 100 12.43 -22.22 -8.75
CA CYS A 100 11.74 -22.24 -7.46
C CYS A 100 12.64 -21.61 -6.39
N LEU A 101 12.19 -20.51 -5.81
CA LEU A 101 13.00 -19.84 -4.80
C LEU A 101 12.85 -20.52 -3.45
N LYS A 102 11.64 -20.97 -3.11
CA LYS A 102 11.44 -21.61 -1.82
C LYS A 102 10.25 -22.57 -1.88
N THR A 103 10.26 -23.53 -0.96
CA THR A 103 9.18 -24.50 -0.81
C THR A 103 8.67 -24.40 0.63
N LEU A 104 7.41 -23.99 0.79
CA LEU A 104 6.78 -23.88 2.10
C LEU A 104 6.15 -25.23 2.44
N LYS A 105 6.72 -25.91 3.44
CA LYS A 105 6.23 -27.19 3.93
C LYS A 105 5.60 -27.00 5.31
N GLY A 106 4.49 -27.68 5.55
CA GLY A 106 3.81 -27.57 6.83
C GLY A 106 2.41 -28.14 6.86
N HIS A 107 1.61 -27.82 5.85
CA HIS A 107 0.28 -28.40 5.76
C HIS A 107 0.37 -29.92 5.61
N SER A 108 -0.61 -30.61 6.19
CA SER A 108 -0.63 -32.07 6.16
C SER A 108 -1.63 -32.62 5.14
N ASN A 109 -2.15 -31.77 4.26
CA ASN A 109 -3.06 -32.20 3.22
C ASN A 109 -2.95 -31.23 2.05
N TYR A 110 -3.89 -31.31 1.11
CA TYR A 110 -3.85 -30.45 -0.07
C TYR A 110 -3.94 -29.00 0.35
N VAL A 111 -3.09 -28.16 -0.23
CA VAL A 111 -3.16 -26.72 -0.05
C VAL A 111 -4.03 -26.14 -1.16
N PHE A 112 -5.12 -25.48 -0.77
CA PHE A 112 -6.19 -25.08 -1.67
C PHE A 112 -6.07 -23.64 -2.13
N CYS A 113 -5.63 -22.73 -1.26
CA CYS A 113 -5.59 -21.32 -1.58
C CYS A 113 -4.36 -20.68 -0.97
N CYS A 114 -3.93 -19.58 -1.58
CA CYS A 114 -2.73 -18.86 -1.19
C CYS A 114 -2.90 -17.42 -1.63
N ASN A 115 -2.20 -16.51 -0.95
CA ASN A 115 -2.20 -15.10 -1.33
C ASN A 115 -1.07 -14.39 -0.63
N PHE A 116 -0.46 -13.43 -1.31
CA PHE A 116 0.46 -12.51 -0.69
C PHE A 116 -0.30 -11.42 0.05
N ASN A 117 0.38 -10.81 1.01
CA ASN A 117 -0.15 -9.57 1.57
C ASN A 117 0.39 -8.40 0.75
N PRO A 118 -0.22 -7.21 0.88
CA PRO A 118 0.27 -6.06 0.11
C PRO A 118 1.78 -5.84 0.22
N GLN A 119 2.33 -5.91 1.43
CA GLN A 119 3.78 -5.83 1.61
C GLN A 119 4.53 -6.93 0.88
N SER A 120 3.86 -8.06 0.60
CA SER A 120 4.47 -9.26 0.02
C SER A 120 5.66 -9.75 0.84
N ASN A 121 5.62 -9.55 2.17
CA ASN A 121 6.55 -10.18 3.08
C ASN A 121 5.93 -11.36 3.81
N LEU A 122 4.61 -11.55 3.68
CA LEU A 122 3.91 -12.68 4.27
C LEU A 122 3.09 -13.38 3.19
N ILE A 123 2.80 -14.66 3.43
CA ILE A 123 1.93 -15.44 2.56
C ILE A 123 0.90 -16.17 3.42
N VAL A 124 -0.38 -16.03 3.10
CA VAL A 124 -1.43 -16.75 3.79
C VAL A 124 -1.85 -17.94 2.93
N SER A 125 -2.17 -19.06 3.59
CA SER A 125 -2.49 -20.29 2.91
C SER A 125 -3.62 -20.99 3.63
N GLY A 126 -4.50 -21.63 2.87
CA GLY A 126 -5.51 -22.52 3.41
C GLY A 126 -5.33 -23.90 2.81
N SER A 127 -5.77 -24.91 3.56
CA SER A 127 -5.53 -26.28 3.11
C SER A 127 -6.67 -27.18 3.54
N PHE A 128 -6.67 -28.40 2.99
CA PHE A 128 -7.64 -29.41 3.38
C PHE A 128 -7.50 -29.79 4.85
N ASP A 129 -6.33 -29.50 5.46
CA ASP A 129 -6.12 -29.76 6.88
C ASP A 129 -6.90 -28.82 7.78
N GLU A 130 -7.78 -27.98 7.21
CA GLU A 130 -8.71 -27.10 7.90
C GLU A 130 -8.02 -25.97 8.66
N SER A 131 -6.74 -25.73 8.42
CA SER A 131 -6.00 -24.68 9.09
C SER A 131 -5.64 -23.58 8.10
N VAL A 132 -5.38 -22.39 8.64
CA VAL A 132 -4.81 -21.28 7.86
C VAL A 132 -3.39 -21.08 8.37
N ARG A 133 -2.44 -20.90 7.45
CA ARG A 133 -1.05 -20.74 7.83
C ARG A 133 -0.48 -19.46 7.25
N ILE A 134 0.30 -18.76 8.07
CA ILE A 134 0.97 -17.51 7.69
C ILE A 134 2.47 -17.79 7.66
N TRP A 135 3.07 -17.59 6.49
CA TRP A 135 4.47 -17.89 6.22
C TRP A 135 5.24 -16.60 5.95
N ASP A 136 6.51 -16.62 6.32
CA ASP A 136 7.42 -15.52 6.02
C ASP A 136 8.07 -15.76 4.66
N VAL A 137 7.97 -14.77 3.76
CA VAL A 137 8.46 -14.94 2.40
C VAL A 137 9.97 -15.05 2.39
N LYS A 138 10.65 -14.23 3.20
CA LYS A 138 12.11 -14.18 3.13
C LYS A 138 12.72 -15.52 3.52
N THR A 139 12.25 -16.12 4.62
CA THR A 139 12.82 -17.38 5.08
C THR A 139 12.08 -18.61 4.58
N GLY A 140 10.80 -18.49 4.26
CA GLY A 140 9.99 -19.65 3.95
C GLY A 140 9.47 -20.39 5.16
N LYS A 141 9.79 -19.92 6.37
CA LYS A 141 9.35 -20.55 7.60
C LYS A 141 7.89 -20.21 7.88
N CYS A 142 7.21 -21.14 8.54
CA CYS A 142 5.82 -20.92 8.92
C CYS A 142 5.78 -20.10 10.20
N LEU A 143 5.14 -18.93 10.13
CA LEU A 143 5.09 -18.05 11.29
C LEU A 143 3.92 -18.40 12.20
N LYS A 144 2.75 -18.65 11.61
CA LYS A 144 1.56 -18.93 12.42
C LYS A 144 0.74 -20.03 11.78
N THR A 145 0.12 -20.85 12.62
CA THR A 145 -0.84 -21.87 12.19
C THR A 145 -2.11 -21.65 12.99
N LEU A 146 -3.08 -21.01 12.37
CA LEU A 146 -4.37 -20.77 13.00
C LEU A 146 -5.28 -21.96 12.78
N PRO A 147 -5.83 -22.54 13.85
CA PRO A 147 -6.87 -23.57 13.69
C PRO A 147 -8.14 -22.94 13.15
N ALA A 148 -8.15 -22.71 11.85
CA ALA A 148 -9.12 -21.79 11.28
C ALA A 148 -10.52 -22.40 11.27
N HIS A 149 -10.66 -23.64 10.82
CA HIS A 149 -11.99 -24.16 10.53
C HIS A 149 -12.11 -25.63 10.91
N SER A 150 -13.32 -26.15 10.74
CA SER A 150 -13.65 -27.55 11.01
C SER A 150 -13.75 -28.37 9.74
N ASP A 151 -13.38 -27.79 8.59
CA ASP A 151 -13.52 -28.45 7.31
C ASP A 151 -12.59 -27.79 6.31
N PRO A 152 -12.38 -28.37 5.13
CA PRO A 152 -11.41 -27.81 4.17
C PRO A 152 -11.60 -26.32 3.93
N VAL A 153 -10.48 -25.60 3.88
CA VAL A 153 -10.49 -24.15 3.71
C VAL A 153 -10.50 -23.82 2.23
N SER A 154 -11.47 -23.00 1.81
CA SER A 154 -11.70 -22.72 0.40
C SER A 154 -10.99 -21.47 -0.12
N ALA A 155 -10.82 -20.44 0.71
CA ALA A 155 -10.21 -19.20 0.24
C ALA A 155 -9.58 -18.47 1.42
N VAL A 156 -8.48 -17.77 1.12
CA VAL A 156 -7.80 -16.90 2.08
C VAL A 156 -7.40 -15.62 1.36
N HIS A 157 -7.52 -14.48 2.05
CA HIS A 157 -7.24 -13.20 1.42
C HIS A 157 -6.89 -12.15 2.47
N PHE A 158 -5.87 -11.37 2.17
CA PHE A 158 -5.50 -10.22 3.00
C PHE A 158 -6.36 -9.02 2.65
N ASN A 159 -6.43 -8.07 3.58
CA ASN A 159 -7.17 -6.84 3.37
C ASN A 159 -6.25 -5.82 2.69
N ARG A 160 -6.70 -4.56 2.61
CA ARG A 160 -6.03 -3.58 1.76
C ARG A 160 -4.66 -3.19 2.30
N ASP A 161 -4.48 -3.19 3.61
CA ASP A 161 -3.19 -2.87 4.22
C ASP A 161 -2.53 -4.07 4.89
N GLY A 162 -3.06 -5.27 4.68
CA GLY A 162 -2.44 -6.47 5.20
C GLY A 162 -2.65 -6.71 6.69
N SER A 163 -3.47 -5.89 7.35
CA SER A 163 -3.66 -6.06 8.79
C SER A 163 -4.71 -7.13 9.12
N LEU A 164 -5.52 -7.53 8.14
CA LEU A 164 -6.57 -8.50 8.37
C LEU A 164 -6.45 -9.65 7.37
N ILE A 165 -6.93 -10.82 7.78
CA ILE A 165 -7.05 -11.98 6.90
C ILE A 165 -8.50 -12.43 6.94
N VAL A 166 -9.04 -12.79 5.79
CA VAL A 166 -10.38 -13.38 5.73
C VAL A 166 -10.25 -14.80 5.19
N SER A 167 -11.04 -15.71 5.76
CA SER A 167 -10.95 -17.13 5.43
C SER A 167 -12.36 -17.71 5.35
N SER A 168 -12.52 -18.67 4.46
CA SER A 168 -13.78 -19.37 4.27
C SER A 168 -13.54 -20.88 4.23
N SER A 169 -14.59 -21.65 4.50
CA SER A 169 -14.42 -23.09 4.60
C SER A 169 -15.74 -23.79 4.31
N TYR A 170 -15.65 -25.08 4.00
CA TYR A 170 -16.82 -25.92 3.81
C TYR A 170 -17.64 -26.08 5.07
N ASP A 171 -17.12 -25.69 6.23
CA ASP A 171 -17.93 -25.73 7.45
C ASP A 171 -19.01 -24.67 7.48
N GLY A 172 -19.04 -23.75 6.52
CA GLY A 172 -20.09 -22.75 6.45
C GLY A 172 -19.81 -21.45 7.17
N LEU A 173 -18.57 -21.18 7.52
CA LEU A 173 -18.21 -19.98 8.27
C LEU A 173 -17.31 -19.09 7.43
N CYS A 174 -17.37 -17.79 7.70
CA CYS A 174 -16.33 -16.88 7.25
C CYS A 174 -15.74 -16.18 8.46
N ARG A 175 -14.41 -16.01 8.44
CA ARG A 175 -13.72 -15.55 9.64
C ARG A 175 -12.65 -14.53 9.30
N ILE A 176 -12.64 -13.45 10.06
CA ILE A 176 -11.67 -12.36 9.93
C ILE A 176 -10.72 -12.46 11.13
N TRP A 177 -9.43 -12.59 10.84
CA TRP A 177 -8.37 -12.74 11.82
C TRP A 177 -7.43 -11.54 11.77
N ASP A 178 -6.91 -11.16 12.94
CA ASP A 178 -5.88 -10.15 13.05
C ASP A 178 -4.53 -10.77 12.68
N THR A 179 -3.87 -10.20 11.68
CA THR A 179 -2.65 -10.80 11.16
C THR A 179 -1.54 -10.83 12.21
N ALA A 180 -1.37 -9.74 12.96
CA ALA A 180 -0.25 -9.63 13.87
C ALA A 180 -0.31 -10.67 14.99
N SER A 181 -1.51 -10.92 15.51
CA SER A 181 -1.68 -11.85 16.62
C SER A 181 -2.28 -13.18 16.21
N GLY A 182 -2.91 -13.26 15.04
CA GLY A 182 -3.53 -14.50 14.64
C GLY A 182 -4.86 -14.78 15.29
N GLN A 183 -5.39 -13.84 16.08
CA GLN A 183 -6.62 -14.07 16.80
C GLN A 183 -7.83 -13.75 15.92
N CYS A 184 -8.90 -14.50 16.14
CA CYS A 184 -10.12 -14.36 15.35
C CYS A 184 -10.86 -13.10 15.77
N LEU A 185 -10.99 -12.14 14.85
CA LEU A 185 -11.69 -10.90 15.16
C LEU A 185 -13.19 -11.01 14.91
N LYS A 186 -13.60 -11.70 13.85
CA LYS A 186 -15.02 -11.76 13.53
C LYS A 186 -15.35 -13.09 12.89
N THR A 187 -16.58 -13.55 13.13
CA THR A 187 -17.11 -14.76 12.51
C THR A 187 -18.52 -14.47 12.03
N LEU A 188 -18.80 -14.79 10.76
CA LEU A 188 -20.16 -14.76 10.22
C LEU A 188 -20.57 -16.19 9.85
N ILE A 189 -21.71 -16.62 10.39
CA ILE A 189 -22.23 -17.97 10.18
C ILE A 189 -23.61 -17.90 9.52
N ASN A 193 -26.25 -23.87 7.23
CA ASN A 193 -24.98 -23.33 6.73
C ASN A 193 -24.49 -24.12 5.52
N PRO A 194 -24.67 -23.55 4.33
CA PRO A 194 -24.07 -24.15 3.14
C PRO A 194 -22.60 -23.83 3.05
N PRO A 195 -21.82 -24.66 2.37
CA PRO A 195 -20.36 -24.47 2.32
C PRO A 195 -20.00 -23.15 1.64
N VAL A 196 -19.20 -22.35 2.32
CA VAL A 196 -18.67 -21.10 1.77
C VAL A 196 -17.45 -21.42 0.91
N SER A 197 -17.60 -21.29 -0.41
CA SER A 197 -16.58 -21.74 -1.35
C SER A 197 -15.59 -20.65 -1.75
N PHE A 198 -15.89 -19.39 -1.51
CA PHE A 198 -14.97 -18.32 -1.88
C PHE A 198 -15.23 -17.11 -0.99
N VAL A 199 -14.17 -16.34 -0.75
CA VAL A 199 -14.26 -15.13 0.06
C VAL A 199 -13.10 -14.21 -0.32
N LYS A 200 -13.34 -12.91 -0.25
CA LYS A 200 -12.32 -11.92 -0.57
C LYS A 200 -12.82 -10.54 -0.13
N PHE A 201 -11.86 -9.66 0.16
CA PHE A 201 -12.17 -8.29 0.55
C PHE A 201 -12.50 -7.46 -0.68
N SER A 202 -13.26 -6.39 -0.44
CA SER A 202 -13.49 -5.38 -1.46
C SER A 202 -12.25 -4.49 -1.58
N PRO A 203 -12.12 -3.77 -2.70
CA PRO A 203 -10.95 -2.87 -2.85
C PRO A 203 -10.73 -1.92 -1.69
N ASN A 204 -11.79 -1.29 -1.17
CA ASN A 204 -11.64 -0.38 -0.05
C ASN A 204 -11.52 -1.10 1.30
N GLY A 205 -11.62 -2.43 1.32
CA GLY A 205 -11.46 -3.18 2.54
C GLY A 205 -12.63 -3.13 3.50
N LYS A 206 -13.71 -2.45 3.14
CA LYS A 206 -14.88 -2.33 3.99
C LYS A 206 -15.85 -3.50 3.82
N TYR A 207 -15.87 -4.11 2.65
CA TYR A 207 -16.81 -5.17 2.33
C TYR A 207 -16.08 -6.48 2.10
N ILE A 208 -16.86 -7.55 2.00
CA ILE A 208 -16.34 -8.90 1.80
C ILE A 208 -17.30 -9.62 0.87
N LEU A 209 -16.78 -10.16 -0.23
CA LEU A 209 -17.59 -10.91 -1.19
C LEU A 209 -17.42 -12.39 -0.90
N ALA A 210 -18.54 -13.08 -0.62
CA ALA A 210 -18.50 -14.48 -0.25
C ALA A 210 -19.47 -15.26 -1.14
N ALA A 211 -18.98 -16.33 -1.73
CA ALA A 211 -19.82 -17.21 -2.55
C ALA A 211 -20.15 -18.46 -1.75
N THR A 212 -21.39 -18.92 -1.86
CA THR A 212 -21.81 -20.13 -1.18
C THR A 212 -22.28 -21.16 -2.21
N LEU A 213 -22.19 -22.44 -1.84
CA LEU A 213 -22.53 -23.52 -2.76
C LEU A 213 -24.03 -23.70 -2.91
N ASP A 214 -24.78 -22.59 -2.95
CA ASP A 214 -26.20 -22.59 -3.28
C ASP A 214 -26.50 -21.61 -4.40
N ASN A 215 -25.55 -21.47 -5.35
CA ASN A 215 -25.71 -20.59 -6.51
C ASN A 215 -25.94 -19.14 -6.09
N THR A 216 -25.17 -18.69 -5.10
CA THR A 216 -25.38 -17.37 -4.55
C THR A 216 -24.05 -16.71 -4.20
N LEU A 217 -23.94 -15.43 -4.54
CA LEU A 217 -22.90 -14.55 -4.04
C LEU A 217 -23.53 -13.56 -3.09
N LYS A 218 -22.76 -13.12 -2.10
CA LYS A 218 -23.25 -12.13 -1.16
C LYS A 218 -22.14 -11.16 -0.80
N LEU A 219 -22.44 -9.88 -0.94
CA LEU A 219 -21.53 -8.82 -0.54
C LEU A 219 -21.94 -8.41 0.87
N TRP A 220 -21.07 -8.65 1.83
CA TRP A 220 -21.31 -8.37 3.24
C TRP A 220 -20.50 -7.16 3.64
N ASP A 221 -21.01 -6.43 4.61
CA ASP A 221 -20.23 -5.43 5.34
C ASP A 221 -19.90 -6.05 6.69
N TYR A 222 -18.65 -6.53 6.83
CA TYR A 222 -18.26 -7.22 8.06
C TYR A 222 -18.17 -6.27 9.25
N SER A 223 -17.81 -4.99 9.02
CA SER A 223 -17.93 -3.99 10.09
C SER A 223 -19.24 -4.15 10.83
N LYS A 224 -20.36 -4.12 10.11
CA LYS A 224 -21.67 -4.27 10.73
C LYS A 224 -22.09 -5.73 10.87
N GLY A 225 -21.43 -6.65 10.16
CA GLY A 225 -21.83 -8.05 10.14
C GLY A 225 -23.17 -8.25 9.47
N LYS A 226 -23.42 -7.54 8.37
CA LYS A 226 -24.70 -7.58 7.68
C LYS A 226 -24.51 -7.80 6.18
N CYS A 227 -25.37 -8.61 5.60
CA CYS A 227 -25.39 -8.85 4.16
C CYS A 227 -26.00 -7.64 3.45
N LEU A 228 -25.21 -7.02 2.56
CA LEU A 228 -25.64 -5.83 1.83
C LEU A 228 -26.18 -6.12 0.45
N LYS A 229 -25.60 -7.06 -0.28
CA LYS A 229 -26.10 -7.39 -1.61
C LYS A 229 -26.08 -8.90 -1.83
N THR A 230 -26.94 -9.37 -2.73
CA THR A 230 -27.06 -10.78 -3.05
C THR A 230 -27.15 -10.90 -4.57
N TYR A 231 -26.29 -11.72 -5.15
CA TYR A 231 -26.21 -11.92 -6.59
C TYR A 231 -26.55 -13.36 -6.93
N THR A 232 -27.48 -13.53 -7.87
CA THR A 232 -28.01 -14.84 -8.22
C THR A 232 -27.98 -14.99 -9.74
N GLY A 233 -28.62 -16.05 -10.23
CA GLY A 233 -28.77 -16.31 -11.64
C GLY A 233 -27.80 -17.30 -12.21
N HIS A 234 -26.63 -17.45 -11.60
CA HIS A 234 -25.59 -18.34 -12.10
C HIS A 234 -25.75 -19.73 -11.51
N LYS A 235 -24.81 -20.62 -11.81
CA LYS A 235 -24.83 -21.99 -11.32
C LYS A 235 -23.56 -22.22 -10.52
N ASN A 236 -23.72 -22.57 -9.24
CA ASN A 236 -22.58 -22.81 -8.36
C ASN A 236 -23.05 -23.66 -7.18
N GLU A 237 -22.86 -24.97 -7.27
CA GLU A 237 -23.20 -25.88 -6.19
C GLU A 237 -22.09 -26.82 -5.79
N LYS A 238 -21.03 -26.97 -6.60
CA LYS A 238 -20.04 -28.00 -6.40
C LYS A 238 -18.61 -27.50 -6.28
N TYR A 239 -18.22 -26.50 -7.08
CA TYR A 239 -16.82 -26.07 -7.17
C TYR A 239 -16.60 -24.71 -6.52
N CYS A 240 -15.39 -24.51 -6.03
CA CYS A 240 -14.98 -23.23 -5.42
C CYS A 240 -14.55 -22.30 -6.55
N ILE A 241 -15.47 -21.45 -7.00
CA ILE A 241 -15.24 -20.57 -8.14
C ILE A 241 -14.84 -19.19 -7.65
N PHE A 242 -13.82 -18.62 -8.28
CA PHE A 242 -13.35 -17.29 -7.94
C PHE A 242 -14.36 -16.23 -8.37
N ALA A 243 -14.43 -15.15 -7.61
CA ALA A 243 -15.24 -13.99 -7.92
C ALA A 243 -14.38 -12.74 -7.82
N ASN A 244 -14.75 -11.71 -8.55
CA ASN A 244 -13.93 -10.51 -8.62
C ASN A 244 -14.80 -9.26 -8.63
N PHE A 245 -14.27 -8.21 -8.02
CA PHE A 245 -14.78 -6.85 -8.21
C PHE A 245 -14.12 -6.29 -9.45
N SER A 246 -14.93 -5.82 -10.41
CA SER A 246 -14.42 -5.15 -11.61
C SER A 246 -14.61 -3.65 -11.40
N VAL A 247 -13.47 -2.97 -11.35
CA VAL A 247 -13.35 -1.59 -10.91
C VAL A 247 -12.77 -0.66 -11.96
N THR A 248 -12.20 -1.19 -13.04
CA THR A 248 -11.53 -0.35 -14.02
C THR A 248 -12.52 0.51 -14.81
N GLY A 249 -13.64 -0.08 -15.25
CA GLY A 249 -14.70 0.68 -15.88
C GLY A 249 -15.91 0.82 -14.97
N GLY A 250 -17.04 0.24 -15.36
CA GLY A 250 -18.17 0.14 -14.46
C GLY A 250 -17.89 -0.79 -13.30
N LYS A 251 -18.60 -0.57 -12.20
CA LYS A 251 -18.41 -1.36 -10.97
C LYS A 251 -19.24 -2.63 -11.09
N TRP A 252 -18.58 -3.75 -11.42
CA TRP A 252 -19.26 -5.01 -11.65
C TRP A 252 -18.80 -6.07 -10.66
N ILE A 253 -19.60 -7.13 -10.56
CA ILE A 253 -19.21 -8.37 -9.90
C ILE A 253 -19.14 -9.44 -10.99
N VAL A 254 -17.96 -10.05 -11.16
CA VAL A 254 -17.75 -11.03 -12.20
C VAL A 254 -17.46 -12.38 -11.55
N SER A 255 -18.00 -13.44 -12.13
CA SER A 255 -17.79 -14.78 -11.60
C SER A 255 -17.89 -15.81 -12.71
N GLY A 256 -17.34 -17.00 -12.43
CA GLY A 256 -17.56 -18.15 -13.27
C GLY A 256 -18.85 -18.85 -12.89
N SER A 257 -19.15 -19.92 -13.61
CA SER A 257 -20.40 -20.64 -13.38
C SER A 257 -20.24 -22.07 -13.90
N GLU A 258 -21.01 -22.99 -13.31
CA GLU A 258 -21.00 -24.37 -13.73
C GLU A 258 -21.82 -24.64 -14.99
N ASP A 259 -22.45 -23.61 -15.57
CA ASP A 259 -23.13 -23.74 -16.86
C ASP A 259 -22.30 -23.15 -18.00
N ASN A 260 -20.98 -23.10 -17.85
CA ASN A 260 -20.06 -22.67 -18.91
C ASN A 260 -20.29 -21.22 -19.32
N LEU A 261 -20.69 -20.38 -18.38
CA LEU A 261 -20.90 -18.97 -18.64
C LEU A 261 -20.07 -18.13 -17.69
N VAL A 262 -19.77 -16.91 -18.11
CA VAL A 262 -19.13 -15.92 -17.25
C VAL A 262 -20.19 -14.89 -16.89
N TYR A 263 -20.53 -14.79 -15.62
CA TYR A 263 -21.60 -13.89 -15.18
C TYR A 263 -21.04 -12.56 -14.72
N ILE A 264 -21.70 -11.48 -15.13
CA ILE A 264 -21.34 -10.13 -14.74
C ILE A 264 -22.61 -9.44 -14.25
N TRP A 265 -22.63 -9.08 -12.97
CA TRP A 265 -23.70 -8.31 -12.35
C TRP A 265 -23.26 -6.87 -12.16
N ASN A 266 -24.24 -5.95 -12.17
CA ASN A 266 -24.00 -4.60 -11.67
C ASN A 266 -23.97 -4.66 -10.16
N LEU A 267 -22.94 -4.08 -9.55
CA LEU A 267 -22.73 -4.28 -8.11
C LEU A 267 -23.91 -3.74 -7.30
N GLN A 268 -24.40 -2.54 -7.63
CA GLN A 268 -25.46 -1.94 -6.82
C GLN A 268 -26.84 -2.48 -7.21
N THR A 269 -27.13 -2.58 -8.52
CA THR A 269 -28.44 -3.07 -8.94
C THR A 269 -28.56 -4.57 -8.71
N LYS A 270 -27.43 -5.28 -8.60
CA LYS A 270 -27.36 -6.73 -8.48
C LYS A 270 -27.99 -7.45 -9.68
N GLU A 271 -28.50 -6.70 -10.66
CA GLU A 271 -29.07 -7.31 -11.85
C GLU A 271 -27.97 -7.82 -12.77
N ILE A 272 -28.21 -8.97 -13.38
CA ILE A 272 -27.26 -9.52 -14.33
C ILE A 272 -27.14 -8.59 -15.53
N VAL A 273 -25.93 -8.09 -15.78
CA VAL A 273 -25.70 -7.17 -16.89
C VAL A 273 -25.12 -7.89 -18.10
N GLN A 274 -24.39 -9.00 -17.91
CA GLN A 274 -23.93 -9.74 -19.08
C GLN A 274 -23.63 -11.18 -18.71
N LYS A 275 -23.79 -12.07 -19.70
CA LYS A 275 -23.43 -13.47 -19.59
C LYS A 275 -22.57 -13.82 -20.80
N LEU A 276 -21.29 -14.08 -20.56
CA LEU A 276 -20.32 -14.34 -21.60
C LEU A 276 -20.27 -15.82 -21.94
N GLN A 277 -20.40 -16.11 -23.24
CA GLN A 277 -20.49 -17.45 -23.80
C GLN A 277 -19.19 -17.81 -24.52
N GLY A 278 -18.77 -19.07 -24.39
CA GLY A 278 -17.62 -19.54 -25.12
C GLY A 278 -16.98 -20.80 -24.55
N HIS A 279 -16.76 -20.84 -23.25
CA HIS A 279 -16.14 -22.00 -22.64
C HIS A 279 -17.06 -23.21 -22.76
N THR A 280 -16.44 -24.40 -22.75
CA THR A 280 -17.18 -25.65 -22.94
C THR A 280 -17.23 -26.50 -21.68
N ASP A 281 -16.87 -25.93 -20.53
CA ASP A 281 -17.01 -26.61 -19.24
C ASP A 281 -17.08 -25.54 -18.16
N VAL A 282 -17.13 -25.99 -16.91
CA VAL A 282 -17.29 -25.11 -15.76
C VAL A 282 -16.18 -24.08 -15.76
N VAL A 283 -16.53 -22.80 -15.79
CA VAL A 283 -15.56 -21.72 -15.70
C VAL A 283 -15.18 -21.58 -14.24
N ILE A 284 -14.01 -22.09 -13.87
CA ILE A 284 -13.66 -22.18 -12.45
C ILE A 284 -13.01 -20.90 -11.95
N SER A 285 -12.37 -20.12 -12.80
CA SER A 285 -11.61 -18.97 -12.32
C SER A 285 -11.81 -17.79 -13.25
N THR A 286 -11.95 -16.60 -12.67
CA THR A 286 -11.94 -15.37 -13.44
C THR A 286 -11.07 -14.34 -12.72
N ALA A 287 -10.56 -13.39 -13.51
CA ALA A 287 -9.65 -12.37 -13.01
C ALA A 287 -9.87 -11.11 -13.83
N CYS A 288 -9.74 -9.95 -13.19
CA CYS A 288 -9.94 -8.67 -13.84
C CYS A 288 -8.62 -7.91 -13.91
N HIS A 289 -8.35 -7.30 -15.06
CA HIS A 289 -7.09 -6.59 -15.25
C HIS A 289 -7.02 -5.36 -14.35
N PRO A 290 -5.86 -5.07 -13.75
CA PRO A 290 -5.80 -3.95 -12.79
C PRO A 290 -5.98 -2.58 -13.41
N THR A 291 -5.76 -2.41 -14.71
CA THR A 291 -5.87 -1.11 -15.35
C THR A 291 -6.84 -1.07 -16.51
N GLU A 292 -6.90 -2.12 -17.32
CA GLU A 292 -7.78 -2.16 -18.47
C GLU A 292 -9.01 -3.01 -18.19
N ASN A 293 -10.05 -2.80 -19.00
CA ASN A 293 -11.27 -3.60 -18.92
C ASN A 293 -11.05 -4.94 -19.63
N ILE A 294 -10.25 -5.79 -18.99
CA ILE A 294 -9.89 -7.10 -19.53
C ILE A 294 -10.22 -8.15 -18.49
N ILE A 295 -10.93 -9.20 -18.91
CA ILE A 295 -11.33 -10.30 -18.04
C ILE A 295 -10.67 -11.57 -18.55
N ALA A 296 -10.04 -12.31 -17.65
CA ALA A 296 -9.48 -13.63 -17.95
C ALA A 296 -10.37 -14.68 -17.31
N SER A 297 -10.77 -15.68 -18.11
CA SER A 297 -11.62 -16.75 -17.62
C SER A 297 -10.93 -18.08 -17.90
N ALA A 298 -11.06 -19.02 -16.97
CA ALA A 298 -10.46 -20.33 -17.08
C ALA A 298 -11.49 -21.37 -16.65
N ALA A 299 -11.50 -22.48 -17.37
CA ALA A 299 -12.46 -23.58 -17.23
C ALA A 299 -11.73 -24.89 -16.98
N LEU A 300 -12.52 -25.93 -16.67
CA LEU A 300 -11.96 -27.22 -16.31
C LEU A 300 -11.71 -28.07 -17.55
N GLU A 301 -11.46 -29.37 -17.34
CA GLU A 301 -11.16 -30.27 -18.44
C GLU A 301 -12.36 -30.35 -19.37
N ASN A 302 -12.16 -30.98 -20.53
CA ASN A 302 -13.08 -30.92 -21.68
C ASN A 302 -12.88 -29.57 -22.36
N ASP A 303 -12.40 -28.58 -21.61
CA ASP A 303 -12.13 -27.23 -22.14
C ASP A 303 -10.67 -26.91 -21.96
N LYS A 304 -10.19 -26.70 -20.71
CA LYS A 304 -8.79 -26.49 -20.36
C LYS A 304 -8.17 -25.26 -21.01
N THR A 305 -8.99 -24.34 -21.47
CA THR A 305 -8.48 -23.16 -22.14
C THR A 305 -8.73 -21.91 -21.29
N ILE A 306 -7.96 -20.88 -21.58
CA ILE A 306 -8.10 -19.57 -20.96
C ILE A 306 -8.58 -18.60 -22.03
N LYS A 307 -9.60 -17.83 -21.71
CA LYS A 307 -10.19 -16.88 -22.65
C LYS A 307 -10.03 -15.47 -22.12
N LEU A 308 -9.60 -14.56 -22.98
CA LEU A 308 -9.46 -13.15 -22.66
C LEU A 308 -10.61 -12.38 -23.32
N TRP A 309 -11.19 -11.47 -22.56
CA TRP A 309 -12.32 -10.67 -23.00
C TRP A 309 -12.00 -9.20 -22.76
N LYS A 310 -12.40 -8.34 -23.71
CA LYS A 310 -12.15 -6.91 -23.59
C LYS A 310 -13.46 -6.14 -23.72
N SER A 311 -13.55 -5.06 -22.94
CA SER A 311 -14.73 -4.20 -22.90
C SER A 311 -14.32 -2.73 -23.08
N PRO B 9 21.80 -5.26 9.71
CA PRO B 9 22.05 -4.36 10.83
C PRO B 9 23.44 -3.73 10.79
N VAL B 10 24.16 -3.91 9.69
CA VAL B 10 25.46 -3.27 9.49
C VAL B 10 25.45 -2.32 8.30
N LYS B 11 24.81 -2.71 7.19
CA LYS B 11 24.61 -1.83 6.04
C LYS B 11 23.47 -2.37 5.19
N PRO B 12 22.40 -1.59 4.94
CA PRO B 12 21.33 -2.07 4.08
C PRO B 12 21.68 -2.00 2.60
N ASN B 13 20.82 -2.61 1.77
CA ASN B 13 21.02 -2.72 0.33
C ASN B 13 19.83 -2.11 -0.42
N TYR B 14 19.51 -0.84 -0.12
CA TYR B 14 18.31 -0.23 -0.69
C TYR B 14 18.48 -0.13 -2.20
N ALA B 15 17.58 -0.78 -2.94
CA ALA B 15 17.61 -0.79 -4.38
C ALA B 15 16.31 -0.24 -4.94
N LEU B 16 16.42 0.39 -6.11
CA LEU B 16 15.28 1.02 -6.75
C LEU B 16 14.27 -0.04 -7.19
N LYS B 17 13.00 0.24 -6.95
CA LYS B 17 11.91 -0.64 -7.35
C LYS B 17 10.92 0.02 -8.29
N PHE B 18 10.59 1.29 -8.07
CA PHE B 18 9.62 2.01 -8.89
C PHE B 18 10.06 3.46 -9.06
N THR B 19 9.67 4.05 -10.18
CA THR B 19 9.81 5.48 -10.42
C THR B 19 8.43 6.03 -10.73
N LEU B 20 7.97 6.96 -9.91
CA LEU B 20 6.62 7.51 -10.01
C LEU B 20 6.68 8.82 -10.77
N ALA B 21 5.99 8.90 -11.90
CA ALA B 21 5.93 10.10 -12.71
C ALA B 21 4.48 10.59 -12.82
N GLY B 22 4.32 11.91 -12.84
CA GLY B 22 3.00 12.49 -12.95
C GLY B 22 2.99 13.98 -12.68
N HIS B 23 3.76 14.42 -11.70
CA HIS B 23 3.84 15.84 -11.37
C HIS B 23 4.51 16.60 -12.50
N THR B 24 3.97 17.78 -12.81
CA THR B 24 4.48 18.61 -13.88
C THR B 24 5.45 19.68 -13.39
N LYS B 25 5.57 19.85 -12.08
CA LYS B 25 6.55 20.76 -11.50
C LYS B 25 7.33 20.04 -10.40
N ALA B 26 8.17 20.78 -9.67
CA ALA B 26 8.98 20.18 -8.63
C ALA B 26 8.12 19.58 -7.53
N VAL B 27 8.54 18.39 -7.06
CA VAL B 27 7.93 17.74 -5.90
C VAL B 27 8.53 18.35 -4.64
N SER B 28 7.69 18.56 -3.62
CA SER B 28 8.13 19.20 -2.39
C SER B 28 8.10 18.29 -1.17
N SER B 29 7.22 17.29 -1.13
CA SER B 29 7.18 16.41 0.04
C SER B 29 6.46 15.11 -0.29
N VAL B 30 6.90 14.04 0.36
CA VAL B 30 6.30 12.71 0.23
C VAL B 30 6.15 12.13 1.63
N LYS B 31 4.96 11.57 1.92
CA LYS B 31 4.67 11.02 3.24
C LYS B 31 3.94 9.70 3.11
N PHE B 32 4.41 8.68 3.83
CA PHE B 32 3.68 7.43 3.89
C PHE B 32 2.50 7.55 4.84
N SER B 33 1.38 6.94 4.48
CA SER B 33 0.24 6.89 5.37
C SER B 33 0.56 5.99 6.57
N PRO B 34 0.01 6.30 7.75
CA PRO B 34 0.31 5.47 8.93
C PRO B 34 0.00 3.99 8.78
N ASN B 35 -1.01 3.63 7.98
CA ASN B 35 -1.28 2.22 7.72
C ASN B 35 -0.34 1.62 6.69
N GLY B 36 0.68 2.36 6.25
CA GLY B 36 1.61 1.89 5.25
C GLY B 36 1.02 1.63 3.89
N GLU B 37 -0.24 2.02 3.67
CA GLU B 37 -0.97 1.67 2.46
C GLU B 37 -0.67 2.63 1.31
N TRP B 38 -0.52 3.91 1.62
CA TRP B 38 -0.47 4.94 0.60
C TRP B 38 0.81 5.75 0.71
N LEU B 39 1.12 6.46 -0.37
CA LEU B 39 2.12 7.51 -0.35
C LEU B 39 1.47 8.77 -0.91
N ALA B 40 1.49 9.84 -0.13
CA ALA B 40 1.01 11.14 -0.58
C ALA B 40 2.21 11.99 -1.00
N SER B 41 2.05 12.72 -2.10
CA SER B 41 3.08 13.63 -2.56
C SER B 41 2.48 14.99 -2.85
N SER B 42 3.24 16.04 -2.56
CA SER B 42 2.86 17.41 -2.83
C SER B 42 3.78 18.00 -3.89
N SER B 43 3.22 18.86 -4.75
CA SER B 43 4.05 19.42 -5.80
C SER B 43 3.84 20.92 -5.91
N ALA B 44 4.80 21.58 -6.56
CA ALA B 44 4.68 22.99 -6.93
C ALA B 44 3.64 23.22 -8.02
N ASP B 45 3.03 22.17 -8.56
CA ASP B 45 1.93 22.31 -9.51
C ASP B 45 0.57 22.34 -8.83
N LYS B 46 0.51 22.75 -7.56
CA LYS B 46 -0.72 22.88 -6.78
C LYS B 46 -1.45 21.55 -6.63
N LEU B 47 -0.76 20.42 -6.76
CA LEU B 47 -1.41 19.12 -6.77
C LEU B 47 -0.85 18.22 -5.68
N ILE B 48 -1.73 17.40 -5.12
CA ILE B 48 -1.36 16.26 -4.29
C ILE B 48 -1.63 15.01 -5.11
N LYS B 49 -0.79 14.00 -4.95
CA LYS B 49 -0.99 12.75 -5.66
C LYS B 49 -0.84 11.59 -4.69
N ILE B 50 -1.83 10.70 -4.69
CA ILE B 50 -1.81 9.49 -3.87
C ILE B 50 -1.42 8.32 -4.75
N TRP B 51 -0.39 7.59 -4.32
CA TRP B 51 0.13 6.42 -5.00
C TRP B 51 0.07 5.22 -4.07
N GLY B 52 0.05 4.03 -4.67
CA GLY B 52 0.12 2.80 -3.89
C GLY B 52 1.53 2.61 -3.37
N ALA B 53 1.65 2.27 -2.09
CA ALA B 53 2.95 2.23 -1.44
C ALA B 53 3.77 1.01 -1.83
N TYR B 54 3.12 -0.09 -2.20
CA TYR B 54 3.82 -1.34 -2.44
C TYR B 54 3.95 -1.72 -3.90
N ASP B 55 3.18 -1.10 -4.79
CA ASP B 55 3.28 -1.37 -6.22
C ASP B 55 3.60 -0.13 -7.04
N GLY B 56 3.67 1.05 -6.42
CA GLY B 56 3.92 2.28 -7.14
C GLY B 56 2.81 2.73 -8.05
N LYS B 57 1.65 2.08 -7.98
CA LYS B 57 0.53 2.41 -8.86
C LYS B 57 -0.07 3.76 -8.45
N PHE B 58 -0.19 4.65 -9.42
CA PHE B 58 -0.86 5.94 -9.20
C PHE B 58 -2.31 5.69 -8.81
N GLU B 59 -2.74 6.29 -7.70
CA GLU B 59 -4.11 6.08 -7.23
C GLU B 59 -5.04 7.24 -7.54
N LYS B 60 -4.65 8.48 -7.20
CA LYS B 60 -5.54 9.60 -7.50
C LYS B 60 -4.80 10.92 -7.38
N THR B 61 -5.46 11.96 -7.87
CA THR B 61 -4.96 13.34 -7.83
C THR B 61 -5.93 14.18 -7.02
N ILE B 62 -5.40 15.01 -6.13
CA ILE B 62 -6.17 15.91 -5.28
C ILE B 62 -5.81 17.34 -5.64
N SER B 63 -6.82 18.13 -6.01
CA SER B 63 -6.64 19.51 -6.45
C SER B 63 -7.55 20.44 -5.65
N GLY B 64 -7.12 21.69 -5.54
CA GLY B 64 -7.93 22.70 -4.88
C GLY B 64 -7.15 23.95 -4.53
N HIS B 65 -5.88 23.79 -4.19
CA HIS B 65 -5.04 24.92 -3.85
C HIS B 65 -4.82 25.80 -5.08
N LYS B 66 -4.73 27.10 -4.84
CA LYS B 66 -4.54 28.07 -5.92
C LYS B 66 -3.08 28.29 -6.27
N LEU B 67 -2.14 27.87 -5.42
CA LEU B 67 -0.72 28.02 -5.68
C LEU B 67 -0.02 26.73 -5.29
N GLY B 68 1.31 26.74 -5.39
CA GLY B 68 2.08 25.53 -5.13
C GLY B 68 1.95 25.08 -3.69
N ILE B 69 2.18 23.79 -3.47
CA ILE B 69 2.08 23.16 -2.16
C ILE B 69 3.48 22.82 -1.68
N SER B 70 3.75 23.07 -0.38
CA SER B 70 5.07 22.85 0.18
C SER B 70 5.18 21.62 1.07
N ASP B 71 4.06 21.08 1.55
CA ASP B 71 4.12 19.97 2.49
C ASP B 71 2.75 19.31 2.58
N VAL B 72 2.77 18.02 2.93
CA VAL B 72 1.58 17.24 3.19
C VAL B 72 1.80 16.43 4.47
N ALA B 73 0.71 16.09 5.15
CA ALA B 73 0.81 15.28 6.36
C ALA B 73 -0.45 14.45 6.53
N TRP B 74 -0.28 13.24 7.08
CA TRP B 74 -1.37 12.30 7.26
C TRP B 74 -1.96 12.35 8.67
N SER B 75 -3.26 12.10 8.75
CA SER B 75 -3.94 11.72 9.98
C SER B 75 -3.39 10.40 10.55
N SER B 76 -3.58 10.22 11.86
CA SER B 76 -3.19 8.96 12.47
C SER B 76 -3.93 7.78 11.87
N ASP B 77 -5.20 7.94 11.52
CA ASP B 77 -5.99 6.86 10.94
C ASP B 77 -5.91 6.80 9.42
N SER B 78 -5.01 7.56 8.80
CA SER B 78 -4.82 7.55 7.36
C SER B 78 -6.10 7.93 6.60
N ASN B 79 -7.04 8.63 7.24
CA ASN B 79 -8.27 9.01 6.57
C ASN B 79 -8.28 10.47 6.12
N LEU B 80 -7.45 11.31 6.73
CA LEU B 80 -7.39 12.73 6.43
C LEU B 80 -5.98 13.10 5.96
N LEU B 81 -5.91 14.13 5.13
CA LEU B 81 -4.66 14.75 4.73
C LEU B 81 -4.72 16.24 5.03
N VAL B 82 -3.58 16.83 5.33
CA VAL B 82 -3.46 18.28 5.46
C VAL B 82 -2.33 18.74 4.54
N SER B 83 -2.57 19.86 3.86
CA SER B 83 -1.62 20.42 2.90
C SER B 83 -1.44 21.91 3.18
N ALA B 84 -0.20 22.37 3.12
CA ALA B 84 0.12 23.79 3.28
C ALA B 84 0.59 24.36 1.94
N SER B 85 -0.02 25.47 1.51
CA SER B 85 0.26 26.00 0.18
C SER B 85 0.68 27.46 0.25
N ASP B 86 1.22 27.95 -0.87
CA ASP B 86 1.60 29.35 -1.03
C ASP B 86 0.39 30.28 -1.08
N ASP B 87 -0.82 29.76 -1.27
CA ASP B 87 -2.02 30.60 -1.25
C ASP B 87 -2.39 31.06 0.16
N LYS B 88 -1.44 30.97 1.09
CA LYS B 88 -1.56 31.39 2.49
C LYS B 88 -2.47 30.51 3.30
N THR B 89 -2.92 29.37 2.78
CA THR B 89 -3.87 28.52 3.48
C THR B 89 -3.36 27.10 3.61
N LEU B 90 -3.95 26.40 4.57
CA LEU B 90 -3.90 24.95 4.67
C LEU B 90 -5.24 24.37 4.25
N LYS B 91 -5.22 23.12 3.84
CA LYS B 91 -6.45 22.44 3.44
C LYS B 91 -6.47 21.03 3.99
N ILE B 92 -7.59 20.68 4.62
CA ILE B 92 -7.84 19.34 5.13
C ILE B 92 -8.74 18.62 4.14
N TRP B 93 -8.24 17.52 3.59
CA TRP B 93 -8.95 16.70 2.61
C TRP B 93 -9.29 15.33 3.18
N ASP B 94 -10.43 14.80 2.76
CA ASP B 94 -10.75 13.38 2.96
C ASP B 94 -10.07 12.58 1.85
N VAL B 95 -9.18 11.67 2.23
CA VAL B 95 -8.34 11.01 1.23
C VAL B 95 -9.17 10.15 0.29
N SER B 96 -10.18 9.45 0.81
CA SER B 96 -10.97 8.55 -0.02
C SER B 96 -11.89 9.34 -0.94
N SER B 97 -12.59 10.34 -0.37
CA SER B 97 -13.48 11.17 -1.17
C SER B 97 -12.72 12.10 -2.11
N GLY B 98 -11.51 12.52 -1.75
CA GLY B 98 -10.79 13.53 -2.49
C GLY B 98 -11.33 14.94 -2.35
N LYS B 99 -12.41 15.13 -1.60
CA LYS B 99 -13.03 16.43 -1.44
C LYS B 99 -12.36 17.20 -0.31
N CYS B 100 -12.25 18.51 -0.49
CA CYS B 100 -11.69 19.36 0.56
C CYS B 100 -12.68 19.49 1.70
N LEU B 101 -12.30 18.99 2.88
CA LEU B 101 -13.19 19.09 4.02
C LEU B 101 -13.13 20.47 4.67
N LYS B 102 -11.94 21.08 4.70
CA LYS B 102 -11.84 22.39 5.32
C LYS B 102 -10.68 23.18 4.73
N THR B 103 -10.78 24.51 4.83
CA THR B 103 -9.73 25.43 4.42
C THR B 103 -9.36 26.28 5.62
N LEU B 104 -8.16 26.07 6.15
CA LEU B 104 -7.65 26.80 7.31
C LEU B 104 -6.96 28.06 6.85
N LYS B 105 -7.59 29.21 7.12
CA LYS B 105 -7.10 30.53 6.76
C LYS B 105 -6.66 31.28 8.01
N GLY B 106 -5.56 32.03 7.89
CA GLY B 106 -5.03 32.78 9.02
C GLY B 106 -3.64 33.32 8.78
N HIS B 107 -2.76 32.48 8.23
CA HIS B 107 -1.40 32.92 7.90
C HIS B 107 -1.46 34.05 6.87
N SER B 108 -0.50 34.96 6.98
CA SER B 108 -0.42 36.11 6.08
C SER B 108 0.66 35.96 5.02
N ASN B 109 1.23 34.77 4.88
CA ASN B 109 2.26 34.53 3.87
C ASN B 109 2.24 33.05 3.51
N TYR B 110 3.29 32.58 2.82
CA TYR B 110 3.35 31.18 2.42
C TYR B 110 3.32 30.27 3.64
N VAL B 111 2.50 29.22 3.59
CA VAL B 111 2.51 28.18 4.61
C VAL B 111 3.49 27.10 4.18
N PHE B 112 4.51 26.86 5.01
CA PHE B 112 5.66 26.05 4.64
C PHE B 112 5.56 24.61 5.12
N CYS B 113 5.02 24.37 6.31
CA CYS B 113 5.04 23.05 6.92
C CYS B 113 3.73 22.79 7.65
N CYS B 114 3.43 21.50 7.84
CA CYS B 114 2.19 21.07 8.47
C CYS B 114 2.41 19.73 9.14
N ASN B 115 1.58 19.45 10.15
CA ASN B 115 1.60 18.16 10.82
C ASN B 115 0.36 18.02 11.71
N PHE B 116 -0.20 16.82 11.75
CA PHE B 116 -1.20 16.45 12.74
C PHE B 116 -0.53 16.07 14.06
N ASN B 117 -1.31 16.14 15.13
CA ASN B 117 -0.84 15.55 16.38
C ASN B 117 -1.28 14.09 16.45
N PRO B 118 -0.71 13.30 17.38
CA PRO B 118 -1.12 11.89 17.48
C PRO B 118 -2.62 11.67 17.57
N GLN B 119 -3.32 12.44 18.39
CA GLN B 119 -4.78 12.37 18.41
C GLN B 119 -5.37 12.74 17.06
N SER B 120 -4.62 13.50 16.25
CA SER B 120 -5.11 14.03 14.97
C SER B 120 -6.39 14.84 15.15
N ASN B 121 -6.52 15.49 16.30
CA ASN B 121 -7.55 16.50 16.51
C ASN B 121 -7.01 17.92 16.36
N LEU B 122 -5.69 18.07 16.31
CA LEU B 122 -5.05 19.36 16.12
C LEU B 122 -4.10 19.30 14.93
N ILE B 123 -3.83 20.47 14.35
CA ILE B 123 -2.88 20.60 13.25
C ILE B 123 -1.91 21.72 13.58
N VAL B 124 -0.62 21.45 13.49
CA VAL B 124 0.41 22.47 13.65
C VAL B 124 0.92 22.90 12.28
N SER B 125 1.17 24.20 12.13
CA SER B 125 1.62 24.74 10.86
C SER B 125 2.63 25.84 11.13
N GLY B 126 3.62 25.93 10.24
CA GLY B 126 4.53 27.05 10.21
C GLY B 126 4.44 27.75 8.87
N SER B 127 4.77 29.05 8.86
CA SER B 127 4.59 29.84 7.66
C SER B 127 5.69 30.88 7.53
N PHE B 128 5.74 31.49 6.33
CA PHE B 128 6.70 32.56 6.06
C PHE B 128 6.47 33.78 6.94
N ASP B 129 5.29 33.92 7.55
CA ASP B 129 4.98 35.00 8.47
C ASP B 129 5.69 34.86 9.80
N GLU B 130 6.60 33.89 9.95
CA GLU B 130 7.40 33.70 11.16
C GLU B 130 6.56 33.26 12.35
N SER B 131 5.35 32.77 12.09
CA SER B 131 4.42 32.35 13.11
C SER B 131 4.25 30.83 13.08
N VAL B 132 3.84 30.28 14.23
CA VAL B 132 3.36 28.91 14.31
C VAL B 132 1.90 28.94 14.71
N ARG B 133 1.07 28.16 14.04
CA ARG B 133 -0.35 28.16 14.37
C ARG B 133 -0.86 26.75 14.63
N ILE B 134 -1.72 26.65 15.63
CA ILE B 134 -2.38 25.41 16.03
C ILE B 134 -3.87 25.55 15.72
N TRP B 135 -4.37 24.64 14.88
CA TRP B 135 -5.74 24.64 14.39
C TRP B 135 -6.49 23.42 14.92
N ASP B 136 -7.80 23.59 15.11
CA ASP B 136 -8.69 22.50 15.48
C ASP B 136 -9.22 21.80 14.23
N VAL B 137 -9.05 20.49 14.18
CA VAL B 137 -9.40 19.74 12.97
C VAL B 137 -10.91 19.76 12.72
N LYS B 138 -11.71 19.59 13.78
CA LYS B 138 -13.15 19.43 13.60
C LYS B 138 -13.80 20.69 13.04
N THR B 139 -13.49 21.86 13.63
CA THR B 139 -14.11 23.11 13.23
C THR B 139 -13.32 23.88 12.20
N GLY B 140 -12.00 23.68 12.14
CA GLY B 140 -11.16 24.47 11.28
C GLY B 140 -10.73 25.81 11.82
N LYS B 141 -11.18 26.18 13.03
CA LYS B 141 -10.78 27.45 13.60
C LYS B 141 -9.36 27.36 14.11
N CYS B 142 -8.65 28.48 14.04
CA CYS B 142 -7.28 28.51 14.53
C CYS B 142 -7.30 28.70 16.04
N LEU B 143 -6.72 27.76 16.77
CA LEU B 143 -6.82 27.81 18.23
C LEU B 143 -5.75 28.74 18.82
N LYS B 144 -4.52 28.63 18.33
CA LYS B 144 -3.43 29.42 18.89
C LYS B 144 -2.50 29.92 17.80
N THR B 145 -1.94 31.11 18.02
CA THR B 145 -0.93 31.70 17.14
C THR B 145 0.27 32.07 17.99
N LEU B 146 1.30 31.23 17.96
CA LEU B 146 2.54 31.46 18.68
C LEU B 146 3.48 32.33 17.86
N PRO B 147 3.94 33.47 18.41
CA PRO B 147 5.02 34.23 17.78
C PRO B 147 6.35 33.50 17.88
N ALA B 148 6.53 32.51 17.03
CA ALA B 148 7.59 31.51 17.23
C ALA B 148 8.97 32.06 16.92
N HIS B 149 9.13 32.73 15.79
CA HIS B 149 10.45 33.09 15.30
C HIS B 149 10.42 34.48 14.67
N SER B 150 11.61 34.94 14.30
CA SER B 150 11.83 36.24 13.66
C SER B 150 12.08 36.10 12.15
N ASP B 151 11.86 34.91 11.60
CA ASP B 151 12.12 34.63 10.19
C ASP B 151 11.29 33.42 9.80
N PRO B 152 11.13 33.14 8.50
CA PRO B 152 10.23 32.06 8.07
C PRO B 152 10.49 30.74 8.79
N VAL B 153 9.40 30.08 9.18
CA VAL B 153 9.45 28.82 9.92
C VAL B 153 9.53 27.66 8.94
N SER B 154 10.53 26.80 9.14
CA SER B 154 10.85 25.74 8.20
C SER B 154 10.18 24.41 8.52
N ALA B 155 9.94 24.10 9.79
CA ALA B 155 9.39 22.81 10.16
C ALA B 155 8.63 22.92 11.49
N VAL B 156 7.57 22.13 11.61
CA VAL B 156 6.81 21.99 12.85
C VAL B 156 6.48 20.51 13.03
N HIS B 157 6.57 20.03 14.26
CA HIS B 157 6.35 18.61 14.52
C HIS B 157 5.94 18.40 15.96
N PHE B 158 4.94 17.55 16.18
CA PHE B 158 4.52 17.13 17.50
C PHE B 158 5.42 16.01 18.03
N ASN B 159 5.40 15.80 19.35
CA ASN B 159 6.11 14.70 19.96
C ASN B 159 5.21 13.46 19.92
N ARG B 160 5.60 12.35 20.53
CA ARG B 160 4.82 11.14 20.28
C ARG B 160 3.46 11.15 21.03
N ASP B 161 3.28 11.97 22.08
CA ASP B 161 1.96 12.09 22.72
C ASP B 161 1.29 13.45 22.47
N GLY B 162 1.82 14.28 21.58
CA GLY B 162 1.16 15.51 21.23
C GLY B 162 1.26 16.62 22.26
N SER B 163 2.02 16.43 23.34
CA SER B 163 2.12 17.47 24.36
C SER B 163 3.14 18.54 24.00
N LEU B 164 4.02 18.27 23.05
CA LEU B 164 5.07 19.20 22.68
C LEU B 164 5.04 19.48 21.18
N ILE B 165 5.53 20.65 20.82
CA ILE B 165 5.76 21.04 19.43
C ILE B 165 7.22 21.46 19.33
N VAL B 166 7.89 21.03 18.26
CA VAL B 166 9.23 21.52 17.95
C VAL B 166 9.15 22.29 16.65
N SER B 167 9.85 23.42 16.58
CA SER B 167 9.79 24.30 15.43
C SER B 167 11.19 24.78 15.09
N SER B 168 11.45 24.99 13.81
CA SER B 168 12.74 25.48 13.35
C SER B 168 12.52 26.63 12.39
N SER B 169 13.55 27.44 12.19
CA SER B 169 13.38 28.64 11.40
C SER B 169 14.70 29.09 10.80
N TYR B 170 14.61 29.93 9.77
CA TYR B 170 15.77 30.56 9.18
C TYR B 170 16.45 31.53 10.12
N ASP B 171 15.81 31.91 11.23
CA ASP B 171 16.47 32.77 12.21
C ASP B 171 17.57 32.05 12.96
N GLY B 172 17.72 30.74 12.79
CA GLY B 172 18.79 30.00 13.41
C GLY B 172 18.47 29.41 14.76
N LEU B 173 17.20 29.34 15.13
CA LEU B 173 16.76 28.84 16.41
C LEU B 173 15.93 27.58 16.21
N CYS B 174 15.93 26.71 17.20
CA CYS B 174 14.91 25.66 17.28
C CYS B 174 14.23 25.76 18.63
N ARG B 175 12.90 25.56 18.66
CA ARG B 175 12.14 25.90 19.86
C ARG B 175 11.11 24.83 20.19
N ILE B 176 11.04 24.49 21.48
CA ILE B 176 10.11 23.51 22.03
C ILE B 176 9.02 24.26 22.77
N TRP B 177 7.78 24.04 22.35
CA TRP B 177 6.61 24.70 22.90
C TRP B 177 5.69 23.67 23.55
N ASP B 178 5.05 24.09 24.65
CA ASP B 178 4.02 23.32 25.29
C ASP B 178 2.72 23.46 24.50
N THR B 179 2.15 22.34 24.05
CA THR B 179 0.99 22.39 23.17
C THR B 179 -0.22 22.99 23.88
N ALA B 180 -0.46 22.58 25.12
CA ALA B 180 -1.69 22.99 25.81
C ALA B 180 -1.73 24.49 26.08
N SER B 181 -0.60 25.09 26.46
CA SER B 181 -0.56 26.49 26.81
C SER B 181 0.09 27.38 25.75
N GLY B 182 0.87 26.79 24.86
CA GLY B 182 1.53 27.55 23.81
C GLY B 182 2.79 28.29 24.22
N GLN B 183 3.25 28.15 25.45
CA GLN B 183 4.44 28.90 25.87
C GLN B 183 5.71 28.13 25.52
N CYS B 184 6.79 28.88 25.30
CA CYS B 184 8.07 28.29 24.90
C CYS B 184 8.71 27.57 26.08
N LEU B 185 8.87 26.25 25.94
CA LEU B 185 9.49 25.49 27.02
C LEU B 185 11.01 25.49 26.90
N LYS B 186 11.54 25.41 25.68
CA LYS B 186 12.98 25.36 25.51
C LYS B 186 13.39 26.04 24.20
N THR B 187 14.61 26.57 24.18
CA THR B 187 15.19 27.15 22.97
C THR B 187 16.62 26.64 22.83
N LEU B 188 16.96 26.17 21.64
CA LEU B 188 18.33 25.81 21.29
C LEU B 188 18.83 26.78 20.23
N ILE B 189 19.93 27.45 20.54
CA ILE B 189 20.52 28.49 19.70
C ILE B 189 21.95 28.09 19.33
N ASP B 192 25.17 29.97 18.56
CA ASP B 192 25.26 30.24 17.14
C ASP B 192 23.89 30.14 16.48
N ASN B 193 23.70 30.77 15.32
CA ASN B 193 22.45 30.67 14.58
C ASN B 193 22.68 30.59 13.07
N PRO B 194 22.98 29.40 12.57
CA PRO B 194 22.85 29.14 11.12
C PRO B 194 21.42 28.71 10.83
N PRO B 195 20.95 28.87 9.59
CA PRO B 195 19.53 28.56 9.31
C PRO B 195 19.19 27.10 9.58
N VAL B 196 18.20 26.90 10.45
CA VAL B 196 17.69 25.57 10.76
C VAL B 196 16.61 25.22 9.74
N SER B 197 16.93 24.27 8.85
CA SER B 197 16.05 23.98 7.73
C SER B 197 15.07 22.84 7.99
N PHE B 198 15.32 22.00 8.99
CA PHE B 198 14.40 20.91 9.29
C PHE B 198 14.56 20.49 10.74
N VAL B 199 13.48 20.00 11.33
CA VAL B 199 13.49 19.54 12.72
C VAL B 199 12.34 18.56 12.89
N LYS B 200 12.55 17.57 13.77
CA LYS B 200 11.52 16.58 14.07
C LYS B 200 11.93 15.78 15.29
N PHE B 201 10.93 15.24 15.99
CA PHE B 201 11.16 14.42 17.16
C PHE B 201 11.57 13.00 16.76
N SER B 202 12.28 12.33 17.66
CA SER B 202 12.54 10.91 17.52
C SER B 202 11.28 10.12 17.84
N PRO B 203 11.19 8.86 17.42
CA PRO B 203 9.98 8.06 17.73
C PRO B 203 9.58 8.05 19.19
N ASN B 204 10.53 7.89 20.12
CA ASN B 204 10.19 7.90 21.53
C ASN B 204 10.02 9.30 22.11
N GLY B 205 10.22 10.35 21.30
CA GLY B 205 10.03 11.70 21.76
C GLY B 205 11.11 12.25 22.66
N LYS B 206 12.18 11.50 22.91
CA LYS B 206 13.23 12.01 23.77
C LYS B 206 14.26 12.86 23.04
N TYR B 207 14.51 12.58 21.77
CA TYR B 207 15.56 13.26 21.02
C TYR B 207 14.96 14.07 19.89
N ILE B 208 15.80 14.89 19.26
CA ILE B 208 15.36 15.79 18.19
C ILE B 208 16.42 15.84 17.11
N LEU B 209 16.02 15.58 15.86
CA LEU B 209 16.92 15.64 14.72
C LEU B 209 16.74 16.99 14.03
N ALA B 210 17.81 17.77 13.93
CA ALA B 210 17.76 19.10 13.33
C ALA B 210 18.81 19.24 12.25
N ALA B 211 18.39 19.70 11.08
CA ALA B 211 19.30 19.95 9.97
C ALA B 211 19.55 21.45 9.83
N THR B 212 20.80 21.83 9.54
CA THR B 212 21.15 23.22 9.32
C THR B 212 21.70 23.41 7.91
N LEU B 213 21.62 24.64 7.41
CA LEU B 213 22.05 24.93 6.05
C LEU B 213 23.57 25.05 5.98
N ASP B 214 24.27 24.20 6.73
CA ASP B 214 25.72 24.06 6.66
C ASP B 214 26.11 22.61 6.41
N ASN B 215 25.27 21.88 5.66
CA ASN B 215 25.53 20.49 5.31
C ASN B 215 25.72 19.62 6.55
N THR B 216 24.86 19.83 7.55
CA THR B 216 24.98 19.12 8.82
C THR B 216 23.61 18.78 9.37
N LEU B 217 23.48 17.54 9.84
CA LEU B 217 22.37 17.10 10.67
C LEU B 217 22.91 16.85 12.08
N LYS B 218 22.09 17.09 13.09
CA LYS B 218 22.52 16.84 14.45
C LYS B 218 21.38 16.30 15.28
N LEU B 219 21.67 15.21 15.99
CA LEU B 219 20.76 14.58 16.92
C LEU B 219 21.03 15.16 18.30
N TRP B 220 20.04 15.87 18.83
CA TRP B 220 20.08 16.54 20.13
C TRP B 220 19.26 15.76 21.13
N ASP B 221 19.65 15.89 22.40
CA ASP B 221 18.87 15.42 23.54
C ASP B 221 18.13 16.61 24.13
N TYR B 222 16.81 16.68 23.88
CA TYR B 222 16.05 17.85 24.30
C TYR B 222 15.95 17.95 25.82
N SER B 223 15.82 16.80 26.51
CA SER B 223 15.89 16.80 27.98
C SER B 223 17.09 17.60 28.48
N LYS B 224 18.30 17.23 28.05
CA LYS B 224 19.52 17.88 28.51
C LYS B 224 19.92 19.10 27.69
N GLY B 225 19.40 19.26 26.48
CA GLY B 225 19.84 20.34 25.62
C GLY B 225 21.28 20.22 25.17
N LYS B 226 21.71 19.01 24.78
CA LYS B 226 23.07 18.76 24.35
C LYS B 226 23.04 17.99 23.03
N CYS B 227 23.93 18.36 22.11
CA CYS B 227 24.05 17.67 20.84
C CYS B 227 24.69 16.30 21.07
N LEU B 228 23.99 15.24 20.70
CA LEU B 228 24.52 13.91 20.95
C LEU B 228 25.27 13.34 19.74
N LYS B 229 24.75 13.53 18.53
CA LYS B 229 25.46 13.02 17.36
C LYS B 229 25.40 14.02 16.22
N THR B 230 26.34 13.90 15.28
CA THR B 230 26.46 14.80 14.13
C THR B 230 26.67 13.99 12.85
N TYR B 231 25.85 14.25 11.84
CA TYR B 231 25.91 13.54 10.58
C TYR B 231 26.23 14.53 9.46
N THR B 232 27.28 14.21 8.69
CA THR B 232 27.78 15.02 7.60
C THR B 232 28.13 14.18 6.37
N GLY B 233 28.76 14.81 5.37
CA GLY B 233 29.12 14.15 4.12
C GLY B 233 28.20 14.51 2.97
N HIS B 234 26.96 14.92 3.26
CA HIS B 234 26.00 15.27 2.24
C HIS B 234 26.11 16.77 1.93
N LYS B 235 25.26 17.26 1.04
CA LYS B 235 25.23 18.67 0.67
C LYS B 235 23.85 19.24 0.96
N ASN B 236 23.82 20.29 1.78
CA ASN B 236 22.55 20.91 2.17
C ASN B 236 22.87 22.36 2.59
N GLU B 237 22.73 23.29 1.63
CA GLU B 237 22.99 24.70 1.88
C GLU B 237 21.86 25.63 1.45
N LYS B 238 20.93 25.17 0.64
CA LYS B 238 19.94 26.09 0.08
C LYS B 238 18.51 25.71 0.38
N TYR B 239 18.17 24.43 0.34
CA TYR B 239 16.79 23.98 0.42
C TYR B 239 16.52 23.29 1.76
N CYS B 240 15.26 23.36 2.18
CA CYS B 240 14.81 22.70 3.40
C CYS B 240 14.47 21.24 3.08
N ILE B 241 15.43 20.35 3.36
CA ILE B 241 15.32 18.94 3.01
C ILE B 241 14.81 18.15 4.20
N PHE B 242 13.87 17.25 3.95
CA PHE B 242 13.32 16.40 5.00
C PHE B 242 14.34 15.37 5.47
N ALA B 243 14.25 15.01 6.75
CA ALA B 243 15.07 13.98 7.36
C ALA B 243 14.18 13.01 8.13
N ASN B 244 14.64 11.77 8.25
CA ASN B 244 13.82 10.71 8.82
C ASN B 244 14.66 9.76 9.68
N PHE B 245 14.01 9.23 10.72
CA PHE B 245 14.49 8.07 11.44
C PHE B 245 13.97 6.82 10.76
N SER B 246 14.87 5.91 10.40
CA SER B 246 14.48 4.62 9.84
C SER B 246 14.66 3.55 10.91
N VAL B 247 13.55 2.97 11.35
CA VAL B 247 13.50 2.10 12.52
C VAL B 247 13.06 0.68 12.19
N THR B 248 12.55 0.43 10.98
CA THR B 248 11.95 -0.87 10.68
C THR B 248 13.01 -1.97 10.65
N GLY B 249 14.15 -1.71 10.03
CA GLY B 249 15.26 -2.64 10.06
C GLY B 249 16.37 -2.12 10.96
N GLY B 250 17.54 -1.83 10.38
CA GLY B 250 18.56 -1.15 11.15
C GLY B 250 18.17 0.29 11.46
N LYS B 251 18.72 0.83 12.54
CA LYS B 251 18.38 2.19 12.96
C LYS B 251 19.25 3.17 12.19
N TRP B 252 18.67 3.80 11.16
CA TRP B 252 19.40 4.71 10.30
C TRP B 252 18.82 6.11 10.38
N ILE B 253 19.62 7.07 9.91
CA ILE B 253 19.19 8.43 9.67
C ILE B 253 19.20 8.65 8.16
N VAL B 254 18.06 9.01 7.59
CA VAL B 254 17.90 9.14 6.15
C VAL B 254 17.61 10.60 5.81
N SER B 255 18.22 11.09 4.74
CA SER B 255 17.92 12.44 4.29
C SER B 255 18.19 12.55 2.81
N GLY B 256 17.62 13.58 2.20
CA GLY B 256 17.97 13.93 0.83
C GLY B 256 19.22 14.77 0.79
N SER B 257 19.60 15.16 -0.43
CA SER B 257 20.84 15.91 -0.60
C SER B 257 20.76 16.72 -1.88
N GLU B 258 21.47 17.84 -1.90
CA GLU B 258 21.52 18.70 -3.07
C GLU B 258 22.48 18.20 -4.15
N ASP B 259 23.13 17.07 -3.92
CA ASP B 259 23.92 16.40 -4.96
C ASP B 259 23.16 15.23 -5.58
N ASN B 260 21.83 15.26 -5.52
CA ASN B 260 20.94 14.31 -6.18
C ASN B 260 21.12 12.88 -5.67
N LEU B 261 21.50 12.72 -4.41
CA LEU B 261 21.62 11.40 -3.81
C LEU B 261 20.80 11.33 -2.53
N VAL B 262 20.43 10.11 -2.14
CA VAL B 262 19.74 9.87 -0.87
C VAL B 262 20.75 9.30 0.11
N TYR B 263 21.02 10.03 1.18
CA TYR B 263 22.03 9.65 2.14
C TYR B 263 21.41 8.87 3.29
N ILE B 264 22.07 7.79 3.69
CA ILE B 264 21.64 6.95 4.81
C ILE B 264 22.87 6.76 5.70
N TRP B 265 22.79 7.29 6.91
CA TRP B 265 23.82 7.13 7.94
C TRP B 265 23.39 6.10 8.97
N ASN B 266 24.37 5.44 9.58
CA ASN B 266 24.11 4.68 10.79
C ASN B 266 23.91 5.64 11.96
N LEU B 267 22.84 5.43 12.73
CA LEU B 267 22.49 6.38 13.78
C LEU B 267 23.57 6.44 14.85
N GLN B 268 24.08 5.29 15.29
CA GLN B 268 25.00 5.30 16.42
C GLN B 268 26.43 5.62 15.98
N THR B 269 26.93 4.93 14.95
CA THR B 269 28.28 5.16 14.50
C THR B 269 28.42 6.46 13.71
N LYS B 270 27.31 7.03 13.24
CA LYS B 270 27.31 8.24 12.40
C LYS B 270 28.02 8.05 11.07
N GLU B 271 28.49 6.85 10.79
CA GLU B 271 29.16 6.57 9.52
C GLU B 271 28.14 6.51 8.39
N ILE B 272 28.53 7.03 7.22
CA ILE B 272 27.68 6.93 6.04
C ILE B 272 27.53 5.46 5.67
N VAL B 273 26.29 4.99 5.62
CA VAL B 273 26.01 3.59 5.36
C VAL B 273 25.61 3.34 3.91
N GLN B 274 24.92 4.28 3.27
CA GLN B 274 24.55 4.07 1.86
C GLN B 274 24.24 5.39 1.19
N LYS B 275 24.44 5.41 -0.14
CA LYS B 275 24.08 6.54 -0.99
C LYS B 275 23.26 6.03 -2.16
N LEU B 276 21.99 6.42 -2.21
CA LEU B 276 21.09 5.98 -3.26
C LEU B 276 21.20 6.93 -4.46
N GLN B 277 21.45 6.34 -5.62
CA GLN B 277 21.72 7.04 -6.88
C GLN B 277 20.53 6.91 -7.80
N GLY B 278 20.18 7.99 -8.50
CA GLY B 278 19.11 7.88 -9.46
C GLY B 278 18.46 9.19 -9.85
N HIS B 279 18.14 10.02 -8.86
CA HIS B 279 17.48 11.28 -9.14
C HIS B 279 18.37 12.21 -9.95
N THR B 280 17.73 13.10 -10.71
CA THR B 280 18.46 13.99 -11.60
C THR B 280 18.43 15.44 -11.12
N ASP B 281 18.01 15.69 -9.88
CA ASP B 281 18.10 17.01 -9.28
C ASP B 281 18.06 16.83 -7.76
N VAL B 282 18.01 17.95 -7.04
CA VAL B 282 18.07 17.93 -5.59
C VAL B 282 16.95 17.06 -5.03
N VAL B 283 17.31 16.08 -4.22
CA VAL B 283 16.35 15.25 -3.50
C VAL B 283 15.89 16.05 -2.29
N ILE B 284 14.71 16.65 -2.39
CA ILE B 284 14.22 17.55 -1.35
C ILE B 284 13.46 16.80 -0.26
N SER B 285 12.92 15.63 -0.54
CA SER B 285 12.06 14.94 0.41
C SER B 285 12.39 13.46 0.44
N THR B 286 12.42 12.90 1.65
CA THR B 286 12.53 11.47 1.87
C THR B 286 11.55 11.07 2.96
N ALA B 287 11.14 9.80 2.90
CA ALA B 287 10.17 9.24 3.84
C ALA B 287 10.47 7.77 4.01
N CYS B 288 10.27 7.27 5.23
CA CYS B 288 10.52 5.86 5.53
C CYS B 288 9.20 5.18 5.86
N HIS B 289 9.04 3.98 5.32
CA HIS B 289 7.79 3.23 5.48
C HIS B 289 7.60 2.84 6.94
N PRO B 290 6.36 2.89 7.46
CA PRO B 290 6.15 2.60 8.89
C PRO B 290 6.42 1.15 9.27
N THR B 291 6.34 0.19 8.32
CA THR B 291 6.53 -1.21 8.68
C THR B 291 7.62 -1.90 7.86
N GLU B 292 7.76 -1.53 6.58
CA GLU B 292 8.72 -2.17 5.69
C GLU B 292 9.95 -1.30 5.49
N ASN B 293 11.04 -1.93 5.05
CA ASN B 293 12.27 -1.22 4.71
C ASN B 293 12.12 -0.60 3.32
N ILE B 294 11.26 0.41 3.24
CA ILE B 294 10.95 1.08 1.99
C ILE B 294 11.15 2.58 2.19
N ILE B 295 11.87 3.20 1.26
CA ILE B 295 12.17 4.63 1.29
C ILE B 295 11.54 5.27 0.06
N ALA B 296 10.84 6.38 0.26
CA ALA B 296 10.33 7.20 -0.82
C ALA B 296 11.15 8.49 -0.90
N SER B 297 11.65 8.79 -2.09
CA SER B 297 12.45 9.98 -2.32
C SER B 297 11.81 10.79 -3.44
N ALA B 298 11.92 12.12 -3.33
CA ALA B 298 11.35 13.04 -4.30
C ALA B 298 12.35 14.14 -4.64
N ALA B 299 12.37 14.54 -5.91
CA ALA B 299 13.32 15.54 -6.38
C ALA B 299 12.56 16.71 -6.99
N LEU B 300 13.30 17.78 -7.29
CA LEU B 300 12.71 19.02 -7.77
C LEU B 300 12.53 18.96 -9.27
N GLU B 301 12.28 20.12 -9.89
CA GLU B 301 12.13 20.14 -11.33
C GLU B 301 13.44 19.69 -11.96
N ASN B 302 13.40 19.45 -13.28
CA ASN B 302 14.46 18.76 -14.01
C ASN B 302 14.34 17.25 -13.73
N ASP B 303 13.66 16.90 -12.64
CA ASP B 303 13.43 15.52 -12.26
C ASP B 303 11.94 15.23 -12.14
N LYS B 304 11.25 15.82 -11.14
CA LYS B 304 9.81 15.76 -10.96
C LYS B 304 9.28 14.36 -10.68
N THR B 305 10.16 13.41 -10.32
CA THR B 305 9.74 12.04 -10.10
C THR B 305 9.92 11.63 -8.65
N ILE B 306 9.19 10.58 -8.27
CA ILE B 306 9.27 9.96 -6.95
C ILE B 306 9.83 8.55 -7.15
N LYS B 307 10.81 8.18 -6.34
CA LYS B 307 11.47 6.88 -6.44
C LYS B 307 11.24 6.10 -5.16
N LEU B 308 10.88 4.82 -5.32
CA LEU B 308 10.73 3.90 -4.20
C LEU B 308 11.92 2.96 -4.17
N TRP B 309 12.46 2.74 -2.97
CA TRP B 309 13.61 1.88 -2.76
C TRP B 309 13.27 0.88 -1.68
N LYS B 310 13.66 -0.37 -1.87
CA LYS B 310 13.43 -1.39 -0.87
C LYS B 310 14.74 -2.07 -0.49
N SER B 311 14.85 -2.46 0.77
CA SER B 311 16.04 -3.09 1.30
C SER B 311 15.68 -4.39 2.00
N ASP B 312 16.68 -5.25 2.19
CA ASP B 312 16.50 -6.47 2.96
C ASP B 312 16.61 -6.22 4.46
N CYS B 313 17.24 -5.12 4.86
CA CYS B 313 17.43 -4.79 6.27
C CYS B 313 17.46 -3.27 6.47
C ACE C 1 -6.96 -29.95 -7.76
O ACE C 1 -7.90 -30.35 -8.45
CH3 ACE C 1 -5.65 -29.52 -8.36
N ALA C 2 -7.04 -29.90 -6.43
CA ALA C 2 -8.26 -30.28 -5.73
C ALA C 2 -9.42 -29.33 -6.02
N ARG C 3 -9.10 -28.13 -6.49
CA ARG C 3 -10.15 -27.18 -6.87
C ARG C 3 -10.86 -27.62 -8.14
N THR C 4 -10.16 -28.33 -9.00
CA THR C 4 -10.70 -28.84 -10.25
C THR C 4 -11.46 -30.15 -10.08
N THR C 5 -11.71 -30.69 -8.89
CA THR C 5 -12.34 -31.98 -8.64
C THR C 5 -13.65 -31.80 -7.88
N SER C 6 -14.42 -32.88 -7.83
CA SER C 6 -15.71 -32.95 -7.15
C SER C 6 -15.65 -33.82 -5.89
N GLN C 7 -14.46 -33.95 -5.30
CA GLN C 7 -14.23 -34.91 -4.23
C GLN C 7 -15.16 -34.70 -3.03
N LEU C 8 -15.31 -33.44 -2.58
CA LEU C 8 -16.15 -33.17 -1.43
C LEU C 8 -17.64 -33.32 -1.75
N TYR C 9 -18.04 -32.90 -2.96
CA TYR C 9 -19.44 -33.05 -3.37
C TYR C 9 -19.82 -34.53 -3.56
N ASP C 10 -18.87 -35.35 -4.03
CA ASP C 10 -19.12 -36.79 -4.22
C ASP C 10 -18.84 -37.56 -2.92
N ALA C 11 -19.67 -37.26 -1.91
CA ALA C 11 -19.51 -37.88 -0.59
C ALA C 11 -20.72 -37.62 0.30
C ACE D 1 6.82 26.40 -3.05
O ACE D 1 7.80 26.32 -3.77
CH3 ACE D 1 5.55 25.64 -3.33
N ALA D 2 6.80 27.16 -1.95
CA ALA D 2 7.94 27.97 -1.54
C ALA D 2 9.14 27.10 -1.19
N ARG D 3 8.88 25.82 -0.90
CA ARG D 3 9.96 24.89 -0.60
C ARG D 3 10.78 24.53 -1.84
N THR D 4 10.16 24.55 -3.03
CA THR D 4 10.86 24.17 -4.26
C THR D 4 11.69 25.28 -4.89
N THR D 5 11.81 26.32 -4.14
CA THR D 5 12.48 27.49 -4.69
C THR D 5 13.66 27.84 -3.80
N SER D 6 14.57 28.66 -4.33
CA SER D 6 15.76 29.09 -3.61
C SER D 6 15.70 30.56 -3.22
N GLN D 7 14.49 31.11 -3.12
CA GLN D 7 14.32 32.55 -2.94
C GLN D 7 15.05 33.08 -1.70
N LEU D 8 14.97 32.34 -0.59
CA LEU D 8 15.63 32.80 0.64
C LEU D 8 17.15 32.80 0.49
N TYR D 9 17.70 31.82 -0.23
CA TYR D 9 19.14 31.77 -0.48
C TYR D 9 19.59 32.92 -1.37
N ASP D 10 18.73 33.37 -2.30
CA ASP D 10 19.05 34.46 -3.22
C ASP D 10 18.77 35.82 -2.55
N ALA D 11 19.54 36.12 -1.52
CA ALA D 11 19.42 37.37 -0.76
C ALA D 11 20.61 37.58 0.19
#